data_3S2Z
#
_entry.id   3S2Z
#
_cell.length_a   72.318
_cell.length_b   84.168
_cell.length_c   87.604
_cell.angle_alpha   90.00
_cell.angle_beta   97.56
_cell.angle_gamma   90.00
#
_symmetry.space_group_name_H-M   'C 1 2 1'
#
loop_
_entity.id
_entity.type
_entity.pdbx_description
1 polymer 'Cinnamoyl esterase'
2 non-polymer 'CHLORIDE ION'
3 non-polymer 'CAFFEIC ACID'
4 water water
#
_entity_poly.entity_id   1
_entity_poly.type   'polypeptide(L)'
_entity_poly.pdbx_seq_one_letter_code
;MGSSHHHHHHSSGRENLYFQGMATITLERDGLQLVGTREEPFGEIYDMAIIFHGFTANRNTSLLREIANSLRDENIASVR
FDFNGHGDSDGKFENMTVLNEIEDANAILNYVKTDPHVRNIYLVGHAQGGVVASMLAGLYPDLIKKVVLLAPAATLKGDA
LEGNTQGVTYNPDHIPDRLPFKDLTLGGFYLRIAQQLPIYEVSAQFTKPVCLIHGTDDTVVSPNASKKYDQIYQNSTLHL
IEGADHCFSDSYQKNAVNLTTDFLQNNNAF
;
_entity_poly.pdbx_strand_id   A,B
#
loop_
_chem_comp.id
_chem_comp.type
_chem_comp.name
_chem_comp.formula
CL non-polymer 'CHLORIDE ION' 'Cl -1'
DHC non-polymer 'CAFFEIC ACID' 'C9 H8 O4'
#
# COMPACT_ATOMS: atom_id res chain seq x y z
N ASN A 16 0.57 16.17 29.76
CA ASN A 16 1.65 17.23 29.83
C ASN A 16 1.70 17.79 31.29
N LEU A 17 2.34 18.93 31.53
CA LEU A 17 2.37 19.45 32.91
C LEU A 17 1.02 19.78 33.50
N TYR A 18 0.01 19.92 32.65
CA TYR A 18 -1.29 20.50 33.08
C TYR A 18 -2.50 19.59 32.92
N PHE A 19 -2.49 18.77 31.86
CA PHE A 19 -3.58 17.82 31.65
C PHE A 19 -2.97 16.40 31.64
N GLN A 20 -3.59 15.46 32.37
CA GLN A 20 -3.32 14.00 32.25
C GLN A 20 -4.66 13.26 32.15
N GLY A 21 -4.66 12.12 31.45
CA GLY A 21 -5.85 11.24 31.30
C GLY A 21 -6.08 10.90 29.85
N MET A 22 -7.28 10.38 29.59
CA MET A 22 -7.78 9.88 28.34
C MET A 22 -8.42 10.97 27.47
N ALA A 23 -8.32 10.84 26.15
CA ALA A 23 -9.18 11.61 25.25
C ALA A 23 -9.40 10.80 23.99
N THR A 24 -10.56 10.97 23.40
CA THR A 24 -10.87 10.36 22.11
C THR A 24 -10.37 11.30 21.04
N ILE A 25 -9.65 10.74 20.08
CA ILE A 25 -9.06 11.54 19.04
C ILE A 25 -9.50 10.98 17.69
N THR A 26 -9.58 11.84 16.68
CA THR A 26 -9.99 11.34 15.36
C THR A 26 -8.99 11.90 14.37
N LEU A 27 -8.61 11.06 13.41
CA LEU A 27 -7.73 11.49 12.34
C LEU A 27 -8.40 11.10 11.01
N GLU A 28 -7.82 11.52 9.90
CA GLU A 28 -8.38 11.26 8.59
C GLU A 28 -7.29 10.64 7.77
N ARG A 29 -7.62 9.61 7.05
CA ARG A 29 -6.70 9.05 6.07
C ARG A 29 -7.50 8.78 4.80
N ASP A 30 -7.14 9.39 3.66
CA ASP A 30 -7.91 9.15 2.37
C ASP A 30 -9.48 9.22 2.50
N GLY A 31 -9.92 10.20 3.23
CA GLY A 31 -11.38 10.35 3.30
C GLY A 31 -12.07 9.44 4.31
N LEU A 32 -11.29 8.65 5.07
CA LEU A 32 -11.84 7.83 6.14
C LEU A 32 -11.49 8.44 7.49
N GLN A 33 -12.45 8.49 8.40
CA GLN A 33 -12.16 8.85 9.78
CA GLN A 33 -12.12 8.86 9.78
C GLN A 33 -11.60 7.66 10.54
N LEU A 34 -10.50 7.88 11.27
CA LEU A 34 -9.91 6.88 12.17
C LEU A 34 -10.13 7.40 13.58
N VAL A 35 -10.75 6.56 14.43
CA VAL A 35 -11.06 6.89 15.83
C VAL A 35 -10.04 6.22 16.73
N GLY A 36 -9.48 6.99 17.67
CA GLY A 36 -8.44 6.49 18.56
C GLY A 36 -8.60 7.00 20.00
N THR A 37 -7.79 6.45 20.90
CA THR A 37 -7.73 6.89 22.30
C THR A 37 -6.28 7.28 22.64
N ARG A 38 -6.10 8.44 23.22
CA ARG A 38 -4.80 8.92 23.63
C ARG A 38 -4.77 8.85 25.18
N GLU A 39 -3.67 8.32 25.73
CA GLU A 39 -3.38 8.39 27.15
C GLU A 39 -2.27 9.41 27.34
N GLU A 40 -2.58 10.47 28.07
CA GLU A 40 -1.68 11.59 28.25
C GLU A 40 -1.08 11.47 29.65
N PRO A 41 0.26 11.30 29.74
CA PRO A 41 0.90 11.23 31.07
C PRO A 41 1.33 12.61 31.61
N PHE A 42 1.93 12.62 32.82
CA PHE A 42 2.54 13.81 33.41
CA PHE A 42 2.47 13.86 33.35
C PHE A 42 3.80 14.21 32.67
N GLY A 43 4.18 15.47 32.74
CA GLY A 43 5.45 15.95 32.26
C GLY A 43 5.40 16.72 30.97
N GLU A 44 6.32 17.65 30.83
CA GLU A 44 6.39 18.48 29.65
C GLU A 44 6.87 17.63 28.40
N ILE A 45 7.70 16.65 28.65
CA ILE A 45 8.28 15.85 27.58
C ILE A 45 8.19 14.41 28.00
N TYR A 46 7.83 13.53 27.05
CA TYR A 46 7.65 12.13 27.35
C TYR A 46 7.80 11.32 26.07
N ASP A 47 7.99 10.02 26.23
CA ASP A 47 7.95 9.13 25.08
C ASP A 47 6.50 8.75 24.76
N MET A 48 6.27 8.27 23.54
CA MET A 48 4.94 7.88 23.15
C MET A 48 4.96 6.60 22.33
N ALA A 49 4.08 5.66 22.69
CA ALA A 49 3.84 4.43 21.92
C ALA A 49 2.59 4.53 21.06
N ILE A 50 2.67 4.09 19.80
CA ILE A 50 1.50 3.86 18.99
C ILE A 50 1.19 2.38 19.07
N ILE A 51 -0.05 2.01 19.44
CA ILE A 51 -0.37 0.61 19.73
C ILE A 51 -1.39 0.14 18.67
N PHE A 52 -1.09 -0.98 18.02
CA PHE A 52 -1.88 -1.42 16.86
C PHE A 52 -2.55 -2.73 17.14
N HIS A 53 -3.87 -2.74 17.01
CA HIS A 53 -4.64 -3.99 17.22
C HIS A 53 -4.52 -4.99 16.01
N GLY A 54 -5.03 -6.19 16.18
CA GLY A 54 -4.98 -7.21 15.12
C GLY A 54 -6.25 -7.38 14.28
N PHE A 55 -6.21 -8.38 13.40
CA PHE A 55 -7.27 -8.71 12.40
C PHE A 55 -8.61 -9.00 13.11
N THR A 56 -9.64 -8.22 12.77
CA THR A 56 -11.02 -8.35 13.33
C THR A 56 -11.12 -7.83 14.78
N ALA A 57 -10.02 -7.31 15.35
CA ALA A 57 -10.07 -6.82 16.73
C ALA A 57 -10.36 -5.34 16.70
N ASN A 58 -10.04 -4.65 17.79
CA ASN A 58 -10.26 -3.19 17.90
C ASN A 58 -9.29 -2.61 18.93
N ARG A 59 -9.36 -1.32 19.10
CA ARG A 59 -8.36 -0.59 19.88
C ARG A 59 -8.52 -0.82 21.39
N ASN A 60 -9.67 -1.33 21.81
CA ASN A 60 -10.00 -1.41 23.22
C ASN A 60 -10.11 -2.87 23.71
N THR A 61 -9.43 -3.83 23.05
CA THR A 61 -9.29 -5.14 23.68
C THR A 61 -8.64 -4.99 25.10
N SER A 62 -8.86 -6.01 25.94
CA SER A 62 -8.25 -6.01 27.26
C SER A 62 -6.72 -5.89 27.23
N LEU A 63 -6.07 -6.64 26.34
CA LEU A 63 -4.60 -6.56 26.17
C LEU A 63 -4.16 -5.12 25.87
N LEU A 64 -4.80 -4.49 24.88
CA LEU A 64 -4.29 -3.18 24.50
C LEU A 64 -4.62 -2.12 25.56
N ARG A 65 -5.79 -2.22 26.19
CA ARG A 65 -6.19 -1.24 27.23
C ARG A 65 -5.13 -1.34 28.35
N GLU A 66 -4.73 -2.58 28.62
CA GLU A 66 -3.78 -2.79 29.71
C GLU A 66 -2.35 -2.42 29.38
N ILE A 67 -1.93 -2.57 28.12
CA ILE A 67 -0.65 -2.03 27.69
C ILE A 67 -0.66 -0.51 27.84
N ALA A 68 -1.72 0.14 27.36
CA ALA A 68 -1.81 1.59 27.45
C ALA A 68 -1.75 2.03 28.93
N ASN A 69 -2.53 1.36 29.79
CA ASN A 69 -2.56 1.67 31.21
C ASN A 69 -1.21 1.49 31.85
N SER A 70 -0.56 0.36 31.59
CA SER A 70 0.75 0.11 32.15
C SER A 70 1.84 1.15 31.69
N LEU A 71 1.78 1.61 30.43
CA LEU A 71 2.76 2.54 29.92
C LEU A 71 2.49 3.91 30.55
N ARG A 72 1.22 4.26 30.66
CA ARG A 72 0.86 5.54 31.26
C ARG A 72 1.33 5.56 32.73
N ASP A 73 1.32 4.40 33.41
CA ASP A 73 1.81 4.28 34.80
C ASP A 73 3.27 4.61 34.91
N GLU A 74 3.99 4.53 33.80
CA GLU A 74 5.44 4.85 33.71
C GLU A 74 5.70 6.13 32.99
N ASN A 75 4.67 6.99 32.87
CA ASN A 75 4.76 8.25 32.13
C ASN A 75 5.09 8.15 30.63
N ILE A 76 4.66 7.09 29.99
CA ILE A 76 4.84 6.94 28.57
C ILE A 76 3.45 7.10 27.95
N ALA A 77 3.32 8.07 27.06
CA ALA A 77 2.04 8.37 26.45
C ALA A 77 1.73 7.24 25.48
N SER A 78 0.49 7.15 25.04
CA SER A 78 0.16 6.22 23.95
C SER A 78 -1.05 6.72 23.18
N VAL A 79 -1.12 6.25 21.93
CA VAL A 79 -2.33 6.33 21.14
C VAL A 79 -2.58 4.96 20.57
N ARG A 80 -3.86 4.64 20.39
CA ARG A 80 -4.32 3.36 19.89
C ARG A 80 -5.59 3.64 19.09
N PHE A 81 -5.58 3.27 17.81
CA PHE A 81 -6.67 3.60 16.88
C PHE A 81 -7.32 2.34 16.39
N ASP A 82 -8.57 2.48 16.03
CA ASP A 82 -9.19 1.39 15.26
C ASP A 82 -8.72 1.54 13.81
N PHE A 83 -8.20 0.46 13.22
CA PHE A 83 -7.90 0.44 11.77
C PHE A 83 -9.17 0.60 10.94
N ASN A 84 -8.99 1.02 9.68
CA ASN A 84 -10.16 1.07 8.76
C ASN A 84 -10.86 -0.30 8.80
N GLY A 85 -12.18 -0.30 8.69
CA GLY A 85 -12.88 -1.58 8.61
C GLY A 85 -13.03 -2.27 9.97
N HIS A 86 -12.63 -1.60 11.06
CA HIS A 86 -12.64 -2.12 12.45
C HIS A 86 -13.20 -1.08 13.48
N GLY A 87 -13.83 -1.56 14.56
CA GLY A 87 -14.24 -0.73 15.71
C GLY A 87 -15.05 0.47 15.25
N ASP A 88 -14.68 1.67 15.73
CA ASP A 88 -15.40 2.91 15.46
C ASP A 88 -14.91 3.60 14.20
N SER A 89 -13.89 3.02 13.56
CA SER A 89 -13.35 3.70 12.36
C SER A 89 -14.19 3.47 11.11
N ASP A 90 -14.00 4.36 10.12
CA ASP A 90 -14.71 4.24 8.86
C ASP A 90 -14.26 3.11 7.98
N GLY A 91 -15.08 2.78 6.98
CA GLY A 91 -14.69 1.82 5.93
C GLY A 91 -15.25 0.42 6.26
N LYS A 92 -15.56 -0.35 5.21
CA LYS A 92 -16.05 -1.74 5.32
C LYS A 92 -14.88 -2.64 5.67
N PHE A 93 -15.09 -3.68 6.46
CA PHE A 93 -14.09 -4.69 6.71
C PHE A 93 -13.60 -5.38 5.41
N GLU A 94 -14.51 -5.59 4.48
CA GLU A 94 -14.22 -6.18 3.17
C GLU A 94 -13.19 -5.37 2.40
N ASN A 95 -13.13 -4.05 2.67
CA ASN A 95 -12.18 -3.19 1.99
C ASN A 95 -10.82 -2.97 2.67
N MET A 96 -10.65 -3.60 3.84
CA MET A 96 -9.40 -3.47 4.59
C MET A 96 -8.33 -4.38 4.00
N THR A 97 -7.08 -3.91 3.90
CA THR A 97 -5.99 -4.83 3.53
C THR A 97 -4.86 -4.54 4.52
N VAL A 98 -3.85 -5.40 4.59
CA VAL A 98 -2.71 -4.97 5.40
C VAL A 98 -2.05 -3.64 4.85
N LEU A 99 -2.04 -3.45 3.54
CA LEU A 99 -1.49 -2.23 2.94
C LEU A 99 -2.24 -0.98 3.41
N ASN A 100 -3.56 -0.98 3.39
CA ASN A 100 -4.23 0.26 3.80
C ASN A 100 -4.22 0.44 5.32
N GLU A 101 -3.95 -0.64 6.06
CA GLU A 101 -3.67 -0.50 7.50
C GLU A 101 -2.29 0.14 7.72
N ILE A 102 -1.30 -0.19 6.91
CA ILE A 102 -0.02 0.54 6.93
C ILE A 102 -0.22 2.02 6.63
N GLU A 103 -1.08 2.31 5.68
CA GLU A 103 -1.45 3.70 5.41
C GLU A 103 -2.13 4.38 6.59
N ASP A 104 -3.06 3.66 7.26
CA ASP A 104 -3.62 4.21 8.50
C ASP A 104 -2.52 4.51 9.52
N ALA A 105 -1.61 3.55 9.71
CA ALA A 105 -0.47 3.69 10.65
C ALA A 105 0.41 4.91 10.35
N ASN A 106 0.65 5.21 9.08
CA ASN A 106 1.48 6.33 8.72
C ASN A 106 0.73 7.66 9.06
N ALA A 107 -0.60 7.69 8.81
CA ALA A 107 -1.47 8.83 9.22
C ALA A 107 -1.38 9.11 10.74
N ILE A 108 -1.33 8.02 11.52
CA ILE A 108 -1.26 8.11 12.96
C ILE A 108 0.15 8.59 13.34
N LEU A 109 1.16 8.00 12.72
CA LEU A 109 2.54 8.50 12.85
C LEU A 109 2.66 10.00 12.56
N ASN A 110 2.00 10.49 11.49
CA ASN A 110 2.00 11.94 11.15
C ASN A 110 1.54 12.79 12.33
N TYR A 111 0.43 12.38 12.95
CA TYR A 111 -0.11 13.03 14.17
C TYR A 111 0.92 13.01 15.33
N VAL A 112 1.54 11.84 15.57
CA VAL A 112 2.45 11.62 16.71
C VAL A 112 3.75 12.42 16.52
N LYS A 113 4.33 12.38 15.32
CA LYS A 113 5.67 12.96 15.09
C LYS A 113 5.63 14.49 15.08
N THR A 114 4.46 15.09 14.99
CA THR A 114 4.39 16.57 15.03
C THR A 114 3.93 17.03 16.42
N ASP A 115 3.79 16.09 17.37
CA ASP A 115 3.42 16.53 18.71
C ASP A 115 4.64 17.08 19.45
N PRO A 116 4.60 18.35 19.90
CA PRO A 116 5.84 18.95 20.44
C PRO A 116 6.32 18.34 21.77
N HIS A 117 5.47 17.58 22.47
CA HIS A 117 5.86 16.94 23.76
C HIS A 117 6.58 15.61 23.59
N VAL A 118 6.53 15.02 22.38
CA VAL A 118 6.98 13.66 22.26
C VAL A 118 8.50 13.65 22.03
N ARG A 119 9.18 12.81 22.80
CA ARG A 119 10.59 12.61 22.67
C ARG A 119 10.86 11.37 21.78
N ASN A 120 10.74 10.15 22.30
CA ASN A 120 10.95 8.96 21.47
C ASN A 120 9.62 8.39 21.06
N ILE A 121 9.58 7.85 19.85
CA ILE A 121 8.36 7.19 19.37
C ILE A 121 8.54 5.68 19.35
N TYR A 122 7.62 4.97 19.99
CA TYR A 122 7.70 3.49 20.02
C TYR A 122 6.51 2.93 19.22
N LEU A 123 6.69 1.77 18.58
CA LEU A 123 5.56 1.06 18.00
C LEU A 123 5.31 -0.27 18.73
N VAL A 124 4.04 -0.63 18.96
CA VAL A 124 3.69 -1.83 19.65
C VAL A 124 2.59 -2.44 18.83
N GLY A 125 2.76 -3.67 18.40
CA GLY A 125 1.71 -4.31 17.61
C GLY A 125 1.37 -5.74 17.97
N HIS A 126 0.07 -6.03 18.05
CA HIS A 126 -0.37 -7.40 18.25
C HIS A 126 -0.83 -8.01 16.94
N ALA A 127 -0.21 -9.16 16.60
CA ALA A 127 -0.69 -10.03 15.53
C ALA A 127 -0.65 -9.29 14.19
N GLN A 128 -1.76 -9.11 13.47
CA GLN A 128 -1.64 -8.42 12.18
C GLN A 128 -1.13 -7.00 12.49
N GLY A 129 -1.44 -6.52 13.66
CA GLY A 129 -0.98 -5.17 14.08
C GLY A 129 0.53 -5.16 14.26
N GLY A 130 1.10 -6.32 14.60
CA GLY A 130 2.55 -6.46 14.62
C GLY A 130 3.19 -6.43 13.21
N VAL A 131 2.50 -6.95 12.18
CA VAL A 131 2.97 -6.82 10.82
C VAL A 131 2.90 -5.36 10.41
N VAL A 132 1.82 -4.69 10.75
CA VAL A 132 1.76 -3.21 10.50
C VAL A 132 2.95 -2.49 11.15
N ALA A 133 3.19 -2.78 12.42
CA ALA A 133 4.26 -2.08 13.16
C ALA A 133 5.64 -2.35 12.54
N SER A 134 5.89 -3.62 12.22
CA SER A 134 7.23 -4.04 11.75
C SER A 134 7.53 -3.38 10.38
N MET A 135 6.53 -3.39 9.50
CA MET A 135 6.72 -2.77 8.19
C MET A 135 6.80 -1.27 8.33
N LEU A 136 5.97 -0.68 9.19
CA LEU A 136 6.08 0.79 9.36
C LEU A 136 7.47 1.17 9.95
N ALA A 137 7.96 0.39 10.91
CA ALA A 137 9.30 0.68 11.45
C ALA A 137 10.41 0.52 10.41
N GLY A 138 10.26 -0.39 9.45
CA GLY A 138 11.24 -0.55 8.37
C GLY A 138 11.18 0.55 7.33
N LEU A 139 10.04 1.25 7.30
CA LEU A 139 9.85 2.45 6.44
C LEU A 139 10.32 3.73 7.17
N TYR A 140 10.28 3.72 8.49
CA TYR A 140 10.73 4.85 9.27
C TYR A 140 11.86 4.45 10.26
N PRO A 141 12.95 3.81 9.76
CA PRO A 141 13.98 3.29 10.67
C PRO A 141 14.79 4.39 11.40
N ASP A 142 14.78 5.62 10.81
CA ASP A 142 15.38 6.84 11.39
C ASP A 142 14.51 7.49 12.47
N LEU A 143 13.21 7.20 12.45
CA LEU A 143 12.28 7.94 13.32
C LEU A 143 11.83 7.10 14.52
N ILE A 144 11.53 5.83 14.29
CA ILE A 144 11.14 4.93 15.38
C ILE A 144 12.34 4.53 16.21
N LYS A 145 12.17 4.60 17.51
CA LYS A 145 13.23 4.32 18.48
C LYS A 145 13.27 2.82 18.99
N LYS A 146 12.10 2.21 19.28
CA LYS A 146 11.98 0.80 19.70
C LYS A 146 10.64 0.26 19.18
N VAL A 147 10.54 -1.07 19.02
CA VAL A 147 9.35 -1.73 18.54
C VAL A 147 9.09 -2.94 19.41
N VAL A 148 7.84 -3.13 19.81
CA VAL A 148 7.43 -4.38 20.46
C VAL A 148 6.43 -5.10 19.57
N LEU A 149 6.76 -6.34 19.22
CA LEU A 149 5.81 -7.16 18.44
C LEU A 149 5.26 -8.27 19.31
N LEU A 150 3.95 -8.30 19.43
CA LEU A 150 3.26 -9.39 20.16
C LEU A 150 2.56 -10.39 19.21
N ALA A 151 3.09 -11.63 19.12
CA ALA A 151 2.55 -12.62 18.18
C ALA A 151 2.36 -12.09 16.72
N PRO A 152 3.41 -11.42 16.14
CA PRO A 152 3.20 -10.67 14.87
C PRO A 152 2.82 -11.69 13.76
N ALA A 153 1.73 -11.41 13.04
CA ALA A 153 1.12 -12.45 12.19
C ALA A 153 1.76 -12.48 10.80
N ALA A 154 3.09 -12.56 10.74
CA ALA A 154 3.79 -12.55 9.44
C ALA A 154 3.37 -13.81 8.61
N THR A 155 2.78 -14.80 9.30
CA THR A 155 2.32 -16.02 8.65
C THR A 155 1.11 -15.76 7.77
N LEU A 156 0.57 -14.56 7.84
CA LEU A 156 -0.57 -14.28 6.98
C LEU A 156 -0.19 -14.39 5.50
N LYS A 157 1.07 -14.12 5.18
CA LYS A 157 1.54 -14.19 3.79
C LYS A 157 1.56 -15.63 3.32
N GLY A 158 2.28 -16.48 4.07
CA GLY A 158 2.30 -17.91 3.74
C GLY A 158 0.91 -18.55 3.70
N ASP A 159 0.05 -18.13 4.62
CA ASP A 159 -1.33 -18.69 4.66
C ASP A 159 -2.06 -18.36 3.36
N ALA A 160 -1.91 -17.10 2.89
CA ALA A 160 -2.55 -16.65 1.65
C ALA A 160 -1.97 -17.35 0.42
N LEU A 161 -0.68 -17.65 0.45
CA LEU A 161 0.00 -18.37 -0.63
C LEU A 161 -0.48 -19.82 -0.64
N GLU A 162 -0.86 -20.33 0.53
CA GLU A 162 -1.31 -21.71 0.59
C GLU A 162 -2.82 -21.91 0.34
N GLY A 163 -3.61 -20.83 0.39
CA GLY A 163 -5.03 -20.91 0.15
C GLY A 163 -5.78 -21.32 1.39
N ASN A 164 -5.31 -20.86 2.57
CA ASN A 164 -5.94 -21.29 3.81
C ASN A 164 -5.69 -20.22 4.85
N THR A 165 -6.68 -19.38 5.07
CA THR A 165 -6.61 -18.30 6.06
C THR A 165 -7.55 -18.63 7.22
N GLN A 166 -6.99 -19.00 8.39
CA GLN A 166 -7.79 -19.26 9.58
C GLN A 166 -8.81 -20.33 9.30
N GLY A 167 -8.38 -21.30 8.49
CA GLY A 167 -9.25 -22.46 8.23
C GLY A 167 -10.20 -22.26 7.06
N VAL A 168 -10.26 -21.04 6.47
CA VAL A 168 -11.13 -20.77 5.34
C VAL A 168 -10.30 -20.88 4.05
N THR A 169 -10.73 -21.79 3.18
CA THR A 169 -9.94 -22.15 1.98
C THR A 169 -10.45 -21.58 0.67
N TYR A 170 -9.52 -21.48 -0.29
CA TYR A 170 -9.77 -20.82 -1.59
C TYR A 170 -8.54 -21.20 -2.40
N ASN A 171 -8.69 -21.17 -3.72
CA ASN A 171 -7.59 -21.31 -4.65
C ASN A 171 -6.63 -20.10 -4.60
N PRO A 172 -5.40 -20.31 -4.09
CA PRO A 172 -4.51 -19.13 -3.97
C PRO A 172 -4.12 -18.55 -5.34
N ASP A 173 -4.37 -19.28 -6.43
CA ASP A 173 -4.12 -18.76 -7.78
C ASP A 173 -5.34 -18.20 -8.49
N HIS A 174 -6.50 -18.31 -7.89
CA HIS A 174 -7.73 -17.75 -8.48
C HIS A 174 -8.54 -17.23 -7.32
N ILE A 175 -7.95 -16.26 -6.61
CA ILE A 175 -8.55 -15.67 -5.42
C ILE A 175 -9.92 -15.09 -5.79
N PRO A 176 -11.01 -15.45 -5.07
CA PRO A 176 -12.28 -14.87 -5.52
C PRO A 176 -12.37 -13.35 -5.25
N ASP A 177 -13.39 -12.69 -5.81
CA ASP A 177 -13.60 -11.26 -5.52
C ASP A 177 -13.79 -10.96 -4.03
N ARG A 178 -14.53 -11.80 -3.31
CA ARG A 178 -14.73 -11.66 -1.89
C ARG A 178 -14.89 -13.07 -1.30
N LEU A 179 -14.56 -13.24 -0.03
CA LEU A 179 -14.48 -14.57 0.56
C LEU A 179 -15.34 -14.50 1.81
N PRO A 180 -16.46 -15.26 1.85
CA PRO A 180 -17.15 -15.39 3.16
C PRO A 180 -16.19 -15.90 4.20
N PHE A 181 -16.14 -15.21 5.33
CA PHE A 181 -15.02 -15.37 6.26
C PHE A 181 -15.55 -15.34 7.68
N LYS A 182 -15.91 -16.53 8.16
CA LYS A 182 -16.62 -16.74 9.44
C LYS A 182 -17.92 -15.91 9.32
N ASP A 183 -18.08 -14.89 10.15
CA ASP A 183 -19.24 -14.06 10.07
C ASP A 183 -19.09 -12.81 9.22
N LEU A 184 -17.86 -12.57 8.72
CA LEU A 184 -17.49 -11.43 7.90
C LEU A 184 -17.31 -11.80 6.41
N THR A 185 -16.89 -10.80 5.66
CA THR A 185 -16.55 -10.97 4.24
C THR A 185 -15.15 -10.37 4.09
N LEU A 186 -14.17 -11.23 3.80
CA LEU A 186 -12.81 -10.82 3.62
C LEU A 186 -12.64 -10.44 2.10
N GLY A 187 -12.04 -9.29 1.83
CA GLY A 187 -11.79 -8.90 0.42
C GLY A 187 -10.77 -9.80 -0.29
N GLY A 188 -11.05 -10.14 -1.55
CA GLY A 188 -10.05 -10.75 -2.43
C GLY A 188 -8.74 -9.96 -2.44
N PHE A 189 -8.82 -8.65 -2.41
CA PHE A 189 -7.63 -7.82 -2.51
C PHE A 189 -6.77 -7.89 -1.26
N TYR A 190 -7.42 -8.03 -0.11
CA TYR A 190 -6.66 -8.39 1.10
C TYR A 190 -5.72 -9.60 0.82
N LEU A 191 -6.27 -10.66 0.21
CA LEU A 191 -5.52 -11.97 0.09
C LEU A 191 -4.45 -11.83 -1.00
N ARG A 192 -4.77 -11.09 -2.07
CA ARG A 192 -3.78 -10.88 -3.16
C ARG A 192 -2.59 -10.03 -2.68
N ILE A 193 -2.88 -8.97 -1.89
CA ILE A 193 -1.84 -8.19 -1.22
C ILE A 193 -1.05 -9.04 -0.29
N ALA A 194 -1.73 -9.89 0.51
CA ALA A 194 -1.05 -10.63 1.57
C ALA A 194 0.01 -11.58 0.97
N GLN A 195 -0.31 -12.22 -0.15
CA GLN A 195 0.61 -13.16 -0.84
C GLN A 195 1.93 -12.53 -1.23
N GLN A 196 1.93 -11.21 -1.51
CA GLN A 196 3.15 -10.57 -2.05
C GLN A 196 3.70 -9.44 -1.18
N LEU A 197 3.24 -9.39 0.07
CA LEU A 197 3.64 -8.37 1.02
C LEU A 197 5.14 -8.63 1.39
N PRO A 198 6.03 -7.63 1.20
CA PRO A 198 7.42 -7.89 1.55
C PRO A 198 7.63 -7.68 3.06
N ILE A 199 7.01 -8.56 3.88
CA ILE A 199 6.97 -8.32 5.34
C ILE A 199 8.40 -8.23 5.95
N TYR A 200 9.23 -9.27 5.74
CA TYR A 200 10.51 -9.29 6.37
C TYR A 200 11.51 -8.35 5.63
N GLU A 201 11.35 -8.21 4.30
CA GLU A 201 12.24 -7.36 3.48
C GLU A 201 12.17 -5.92 4.05
N VAL A 202 10.96 -5.43 4.25
CA VAL A 202 10.84 -4.04 4.76
C VAL A 202 11.17 -4.02 6.27
N SER A 203 10.63 -4.97 7.03
CA SER A 203 10.81 -4.92 8.47
C SER A 203 12.29 -4.93 8.87
N ALA A 204 13.08 -5.70 8.13
CA ALA A 204 14.51 -5.87 8.45
C ALA A 204 15.31 -4.61 8.36
N GLN A 205 14.76 -3.54 7.77
CA GLN A 205 15.56 -2.31 7.68
C GLN A 205 15.56 -1.58 9.04
N PHE A 206 14.73 -2.02 9.99
CA PHE A 206 14.76 -1.42 11.33
C PHE A 206 15.84 -2.12 12.17
N THR A 207 16.90 -1.39 12.52
CA THR A 207 18.10 -2.01 13.15
C THR A 207 18.22 -1.61 14.61
N LYS A 208 17.27 -0.81 15.09
CA LYS A 208 17.20 -0.43 16.51
C LYS A 208 16.50 -1.55 17.33
N PRO A 209 16.35 -1.38 18.66
CA PRO A 209 15.87 -2.52 19.46
C PRO A 209 14.42 -2.98 19.27
N VAL A 210 14.28 -4.28 19.08
CA VAL A 210 12.99 -4.92 18.93
C VAL A 210 12.79 -5.94 20.04
N CYS A 211 11.57 -5.96 20.58
CA CYS A 211 11.13 -6.95 21.55
C CYS A 211 10.04 -7.78 20.92
N LEU A 212 10.26 -9.08 20.86
CA LEU A 212 9.35 -10.06 20.27
C LEU A 212 8.79 -10.94 21.38
N ILE A 213 7.46 -11.09 21.44
CA ILE A 213 6.77 -11.77 22.54
C ILE A 213 5.80 -12.71 21.83
N HIS A 214 5.84 -13.99 22.08
CA HIS A 214 4.97 -14.91 21.36
C HIS A 214 4.64 -16.07 22.27
N GLY A 215 3.36 -16.44 22.37
CA GLY A 215 2.91 -17.57 23.21
C GLY A 215 3.26 -18.87 22.51
N THR A 216 3.86 -19.84 23.23
CA THR A 216 4.17 -21.18 22.63
C THR A 216 2.92 -21.95 22.20
N ASP A 217 1.78 -21.68 22.82
CA ASP A 217 0.54 -22.37 22.44
CA ASP A 217 0.55 -22.37 22.42
C ASP A 217 -0.34 -21.50 21.52
N ASP A 218 0.28 -20.61 20.73
CA ASP A 218 -0.48 -19.81 19.76
C ASP A 218 -0.89 -20.72 18.59
N THR A 219 -2.19 -21.03 18.41
CA THR A 219 -2.64 -21.82 17.25
C THR A 219 -3.09 -21.00 16.08
N VAL A 220 -3.00 -19.67 16.22
CA VAL A 220 -3.51 -18.74 15.18
C VAL A 220 -2.28 -18.28 14.35
N VAL A 221 -1.19 -17.89 15.01
CA VAL A 221 0.07 -17.56 14.33
C VAL A 221 1.12 -18.47 14.99
N SER A 222 1.76 -19.29 14.17
CA SER A 222 2.86 -20.09 14.68
C SER A 222 3.98 -19.26 15.30
N PRO A 223 4.49 -19.70 16.48
CA PRO A 223 5.60 -19.04 17.14
C PRO A 223 6.82 -18.95 16.20
N ASN A 224 6.87 -19.78 15.15
CA ASN A 224 7.95 -19.67 14.13
C ASN A 224 8.02 -18.28 13.50
N ALA A 225 6.94 -17.52 13.53
CA ALA A 225 6.97 -16.14 12.93
C ALA A 225 7.89 -15.25 13.73
N SER A 226 7.75 -15.31 15.07
CA SER A 226 8.64 -14.60 15.96
C SER A 226 10.10 -15.15 15.91
N LYS A 227 10.29 -16.47 15.80
CA LYS A 227 11.64 -17.03 15.65
C LYS A 227 12.28 -16.52 14.35
N LYS A 228 11.46 -16.39 13.30
CA LYS A 228 12.00 -15.78 12.09
C LYS A 228 12.33 -14.28 12.21
N TYR A 229 11.43 -13.48 12.77
CA TYR A 229 11.77 -12.07 12.95
C TYR A 229 13.07 -11.98 13.79
N ASP A 230 13.17 -12.83 14.79
CA ASP A 230 14.37 -12.80 15.65
C ASP A 230 15.65 -13.08 14.82
N GLN A 231 15.55 -13.91 13.78
CA GLN A 231 16.67 -14.20 12.89
C GLN A 231 17.00 -12.99 12.05
N ILE A 232 15.97 -12.34 11.50
CA ILE A 232 16.18 -11.25 10.52
C ILE A 232 16.62 -9.89 11.14
N TYR A 233 16.14 -9.59 12.34
CA TYR A 233 16.48 -8.37 13.05
C TYR A 233 17.93 -8.27 13.54
N GLN A 234 18.58 -7.13 13.30
CA GLN A 234 19.95 -6.91 13.78
C GLN A 234 20.07 -6.77 15.30
N ASN A 235 19.03 -6.28 15.97
CA ASN A 235 19.10 -5.99 17.42
C ASN A 235 17.75 -6.37 18.01
N SER A 236 17.50 -7.65 18.24
CA SER A 236 16.20 -8.13 18.77
C SER A 236 16.35 -9.07 19.99
N THR A 237 15.25 -9.29 20.71
CA THR A 237 15.16 -10.10 21.94
C THR A 237 13.86 -10.82 21.82
N LEU A 238 13.94 -12.13 21.96
CA LEU A 238 12.82 -13.03 21.79
C LEU A 238 12.37 -13.56 23.13
N HIS A 239 11.09 -13.41 23.42
CA HIS A 239 10.49 -13.92 24.64
C HIS A 239 9.43 -14.91 24.23
N LEU A 240 9.76 -16.20 24.33
CA LEU A 240 8.72 -17.20 24.14
C LEU A 240 8.00 -17.45 25.46
N ILE A 241 6.68 -17.21 25.51
CA ILE A 241 5.89 -17.39 26.73
C ILE A 241 5.22 -18.78 26.82
N GLU A 242 5.77 -19.63 27.70
CA GLU A 242 5.28 -20.98 27.85
C GLU A 242 3.77 -21.03 28.09
N GLY A 243 3.08 -21.77 27.23
CA GLY A 243 1.65 -22.04 27.37
C GLY A 243 0.70 -20.92 26.93
N ALA A 244 1.24 -19.74 26.62
CA ALA A 244 0.38 -18.60 26.29
C ALA A 244 -0.29 -18.83 24.94
N ASP A 245 -1.51 -18.32 24.86
CA ASP A 245 -2.34 -18.31 23.67
C ASP A 245 -2.14 -17.01 22.79
N HIS A 246 -2.92 -16.88 21.70
CA HIS A 246 -2.64 -15.86 20.67
C HIS A 246 -2.92 -14.48 21.24
N CYS A 247 -3.91 -14.43 22.12
CA CYS A 247 -4.43 -13.18 22.68
C CYS A 247 -3.77 -12.80 24.03
N PHE A 248 -2.90 -13.67 24.57
CA PHE A 248 -2.27 -13.43 25.89
C PHE A 248 -3.33 -13.17 26.91
N SER A 249 -4.27 -14.09 26.95
CA SER A 249 -5.41 -13.83 27.70
C SER A 249 -5.34 -14.37 29.12
N ASP A 250 -5.99 -13.59 29.97
CA ASP A 250 -6.21 -13.90 31.36
C ASP A 250 -4.94 -14.01 32.13
N SER A 251 -4.75 -15.24 32.60
CA SER A 251 -3.63 -15.55 33.43
C SER A 251 -2.26 -15.31 32.73
N TYR A 252 -2.25 -14.99 31.40
CA TYR A 252 -1.05 -14.70 30.61
C TYR A 252 -0.87 -13.23 30.26
N GLN A 253 -1.95 -12.47 30.34
CA GLN A 253 -1.89 -11.05 29.95
C GLN A 253 -0.85 -10.18 30.67
N LYS A 254 -0.72 -10.30 32.00
CA LYS A 254 0.26 -9.50 32.76
C LYS A 254 1.71 -9.65 32.32
N ASN A 255 2.08 -10.88 31.95
CA ASN A 255 3.48 -11.09 31.59
C ASN A 255 3.77 -10.36 30.28
N ALA A 256 2.83 -10.44 29.30
CA ALA A 256 2.97 -9.74 28.00
C ALA A 256 3.09 -8.22 28.22
N VAL A 257 2.23 -7.70 29.10
CA VAL A 257 2.18 -6.24 29.41
C VAL A 257 3.46 -5.84 30.14
N ASN A 258 3.85 -6.65 31.13
CA ASN A 258 5.13 -6.42 31.81
C ASN A 258 6.38 -6.38 30.92
N LEU A 259 6.55 -7.35 30.03
CA LEU A 259 7.73 -7.36 29.14
C LEU A 259 7.73 -6.14 28.23
N THR A 260 6.55 -5.84 27.67
CA THR A 260 6.39 -4.64 26.85
C THR A 260 6.83 -3.34 27.57
N THR A 261 6.34 -3.14 28.81
CA THR A 261 6.55 -1.89 29.53
C THR A 261 8.03 -1.74 29.89
N ASP A 262 8.65 -2.85 30.29
CA ASP A 262 10.06 -2.89 30.73
C ASP A 262 11.01 -2.61 29.59
N PHE A 263 10.65 -3.19 28.45
CA PHE A 263 11.43 -2.99 27.29
C PHE A 263 11.40 -1.51 26.93
N LEU A 264 10.20 -0.94 26.94
CA LEU A 264 10.02 0.45 26.58
C LEU A 264 10.52 1.45 27.63
N GLN A 265 10.53 1.08 28.91
CA GLN A 265 10.92 2.09 29.94
C GLN A 265 12.44 2.28 30.03
N ASN A 266 13.21 1.34 29.49
CA ASN A 266 14.67 1.37 29.53
C ASN A 266 15.33 2.67 29.00
N ASN B 16 -21.78 0.45 -26.41
CA ASN B 16 -22.62 -0.79 -26.58
C ASN B 16 -23.45 -0.72 -27.89
N LEU B 17 -24.50 -1.54 -28.08
CA LEU B 17 -25.24 -1.45 -29.33
C LEU B 17 -25.96 -0.07 -29.49
N TYR B 18 -26.17 0.64 -28.40
CA TYR B 18 -27.06 1.86 -28.41
C TYR B 18 -26.40 3.19 -28.11
N PHE B 19 -25.42 3.20 -27.19
CA PHE B 19 -24.65 4.39 -26.90
C PHE B 19 -23.20 4.16 -27.29
N GLN B 20 -22.62 5.10 -28.05
CA GLN B 20 -21.18 5.16 -28.27
C GLN B 20 -20.73 6.56 -27.94
N GLY B 21 -19.51 6.69 -27.46
CA GLY B 21 -18.99 8.04 -27.21
C GLY B 21 -18.31 8.12 -25.85
N MET B 22 -18.19 9.34 -25.33
CA MET B 22 -17.52 9.59 -24.07
C MET B 22 -18.53 9.83 -22.98
N ALA B 23 -18.19 9.41 -21.77
CA ALA B 23 -18.99 9.71 -20.54
C ALA B 23 -18.05 9.89 -19.35
N THR B 24 -18.39 10.80 -18.44
CA THR B 24 -17.70 10.90 -17.13
C THR B 24 -18.27 9.84 -16.16
N ILE B 25 -17.36 9.16 -15.47
CA ILE B 25 -17.72 8.17 -14.51
C ILE B 25 -16.96 8.53 -13.22
N THR B 26 -17.61 8.30 -12.10
CA THR B 26 -16.94 8.51 -10.81
C THR B 26 -17.01 7.23 -9.98
N LEU B 27 -15.91 6.93 -9.31
CA LEU B 27 -15.81 5.79 -8.44
C LEU B 27 -15.34 6.28 -7.07
N GLU B 28 -15.52 5.47 -6.04
CA GLU B 28 -15.00 5.83 -4.72
C GLU B 28 -13.90 4.80 -4.37
N ARG B 29 -12.86 5.27 -3.71
CA ARG B 29 -11.87 4.35 -3.17
C ARG B 29 -11.60 4.88 -1.77
N ASP B 30 -11.91 4.09 -0.74
CA ASP B 30 -11.89 4.52 0.65
C ASP B 30 -12.84 5.70 0.72
N GLY B 31 -12.47 6.84 1.24
CA GLY B 31 -13.47 7.88 1.11
C GLY B 31 -13.15 8.95 0.08
N LEU B 32 -12.38 8.60 -0.95
CA LEU B 32 -12.00 9.47 -2.05
C LEU B 32 -12.82 9.20 -3.31
N GLN B 33 -13.32 10.26 -3.94
CA GLN B 33 -13.91 10.14 -5.27
C GLN B 33 -12.81 10.24 -6.35
N LEU B 34 -12.86 9.32 -7.31
CA LEU B 34 -11.94 9.29 -8.48
C LEU B 34 -12.78 9.63 -9.70
N VAL B 35 -12.31 10.55 -10.53
CA VAL B 35 -13.10 11.00 -11.68
C VAL B 35 -12.43 10.47 -12.93
N GLY B 36 -13.19 9.86 -13.85
CA GLY B 36 -12.62 9.24 -15.02
C GLY B 36 -13.42 9.52 -16.28
N THR B 37 -12.90 9.11 -17.40
CA THR B 37 -13.60 9.23 -18.68
C THR B 37 -13.64 7.84 -19.30
N ARG B 38 -14.87 7.41 -19.63
CA ARG B 38 -15.06 6.14 -20.31
C ARG B 38 -15.29 6.44 -21.83
N GLU B 39 -14.59 5.70 -22.69
CA GLU B 39 -14.77 5.71 -24.12
C GLU B 39 -15.51 4.45 -24.46
N GLU B 40 -16.72 4.60 -24.98
CA GLU B 40 -17.63 3.46 -25.21
C GLU B 40 -17.74 3.23 -26.73
N PRO B 41 -17.31 2.06 -27.21
CA PRO B 41 -17.35 1.68 -28.61
C PRO B 41 -18.72 1.07 -29.00
N PHE B 42 -18.83 0.73 -30.28
CA PHE B 42 -19.95 -0.03 -30.84
C PHE B 42 -19.86 -1.46 -30.38
N GLY B 43 -21.01 -2.12 -30.28
CA GLY B 43 -21.10 -3.55 -30.12
C GLY B 43 -21.48 -3.92 -28.72
N GLU B 44 -22.08 -5.11 -28.59
CA GLU B 44 -22.59 -5.62 -27.34
C GLU B 44 -21.45 -6.16 -26.44
N ILE B 45 -20.43 -6.75 -27.04
CA ILE B 45 -19.31 -7.25 -26.26
C ILE B 45 -18.01 -6.65 -26.78
N TYR B 46 -17.11 -6.27 -25.88
CA TYR B 46 -15.84 -5.70 -26.37
C TYR B 46 -14.76 -5.87 -25.31
N ASP B 47 -13.54 -5.71 -25.73
CA ASP B 47 -12.42 -5.64 -24.76
C ASP B 47 -12.30 -4.24 -24.18
N MET B 48 -11.62 -4.09 -23.02
CA MET B 48 -11.55 -2.79 -22.33
C MET B 48 -10.15 -2.59 -21.79
N ALA B 49 -9.58 -1.46 -22.14
CA ALA B 49 -8.29 -1.04 -21.54
C ALA B 49 -8.49 -0.08 -20.39
N ILE B 50 -7.76 -0.31 -19.30
CA ILE B 50 -7.70 0.74 -18.24
C ILE B 50 -6.40 1.48 -18.48
N ILE B 51 -6.46 2.81 -18.63
CA ILE B 51 -5.30 3.65 -19.01
C ILE B 51 -4.92 4.48 -17.83
N PHE B 52 -3.61 4.42 -17.48
CA PHE B 52 -3.02 5.10 -16.28
C PHE B 52 -1.99 6.17 -16.58
N HIS B 53 -2.30 7.41 -16.16
CA HIS B 53 -1.38 8.55 -16.33
C HIS B 53 -0.22 8.54 -15.34
N GLY B 54 0.75 9.41 -15.59
CA GLY B 54 1.96 9.47 -14.79
C GLY B 54 1.94 10.48 -13.63
N PHE B 55 3.12 10.66 -13.07
CA PHE B 55 3.36 11.54 -11.88
C PHE B 55 3.12 12.99 -12.25
N THR B 56 2.21 13.66 -11.54
CA THR B 56 1.82 15.12 -11.81
C THR B 56 1.03 15.36 -13.14
N ALA B 57 0.78 14.28 -13.89
CA ALA B 57 -0.07 14.30 -15.09
C ALA B 57 -1.55 14.16 -14.72
N ASN B 58 -2.41 13.89 -15.70
CA ASN B 58 -3.86 13.73 -15.49
C ASN B 58 -4.40 12.83 -16.61
N ARG B 59 -5.67 12.50 -16.55
CA ARG B 59 -6.22 11.48 -17.43
C ARG B 59 -6.39 11.95 -18.91
N ASN B 60 -6.22 13.27 -19.12
CA ASN B 60 -6.54 13.88 -20.39
C ASN B 60 -5.31 14.54 -21.05
N THR B 61 -4.12 14.05 -20.76
CA THR B 61 -2.94 14.45 -21.56
C THR B 61 -3.15 14.04 -23.04
N SER B 62 -2.43 14.72 -23.92
CA SER B 62 -2.56 14.45 -25.35
C SER B 62 -2.34 12.96 -25.62
N LEU B 63 -1.28 12.42 -25.07
CA LEU B 63 -0.95 11.03 -25.34
C LEU B 63 -2.12 10.08 -24.94
N LEU B 64 -2.63 10.27 -23.72
CA LEU B 64 -3.67 9.39 -23.20
C LEU B 64 -4.95 9.57 -23.97
N ARG B 65 -5.34 10.81 -24.31
CA ARG B 65 -6.50 11.00 -25.14
C ARG B 65 -6.37 10.25 -26.49
N GLU B 66 -5.19 10.29 -27.10
CA GLU B 66 -5.00 9.71 -28.43
C GLU B 66 -5.02 8.22 -28.33
N ILE B 67 -4.44 7.65 -27.28
CA ILE B 67 -4.54 6.21 -27.10
C ILE B 67 -6.01 5.77 -26.97
N ALA B 68 -6.79 6.47 -26.14
CA ALA B 68 -8.16 6.08 -25.84
C ALA B 68 -8.97 6.16 -27.15
N ASN B 69 -8.82 7.29 -27.88
CA ASN B 69 -9.49 7.45 -29.17
C ASN B 69 -9.09 6.38 -30.19
N SER B 70 -7.80 6.12 -30.29
CA SER B 70 -7.33 5.05 -31.24
C SER B 70 -7.90 3.70 -30.91
N LEU B 71 -7.98 3.34 -29.61
CA LEU B 71 -8.59 2.07 -29.19
C LEU B 71 -10.06 2.04 -29.55
N ARG B 72 -10.75 3.18 -29.32
CA ARG B 72 -12.23 3.27 -29.56
C ARG B 72 -12.53 3.02 -31.05
N ASP B 73 -11.69 3.57 -31.93
CA ASP B 73 -11.79 3.32 -33.37
C ASP B 73 -11.61 1.85 -33.75
N GLU B 74 -10.85 1.10 -32.97
CA GLU B 74 -10.81 -0.35 -33.12
C GLU B 74 -11.82 -1.13 -32.28
N ASN B 75 -12.90 -0.46 -31.84
CA ASN B 75 -13.89 -1.03 -30.89
C ASN B 75 -13.34 -1.66 -29.63
N ILE B 76 -12.26 -1.08 -29.12
CA ILE B 76 -11.79 -1.44 -27.78
C ILE B 76 -12.22 -0.26 -26.86
N ALA B 77 -13.06 -0.55 -25.88
CA ALA B 77 -13.43 0.43 -24.90
C ALA B 77 -12.22 0.81 -24.02
N SER B 78 -12.33 1.90 -23.31
CA SER B 78 -11.34 2.25 -22.30
C SER B 78 -11.96 3.10 -21.17
N VAL B 79 -11.26 3.06 -20.01
CA VAL B 79 -11.49 4.08 -18.95
C VAL B 79 -10.14 4.67 -18.59
N ARG B 80 -10.14 5.96 -18.24
CA ARG B 80 -8.91 6.60 -17.81
C ARG B 80 -9.30 7.54 -16.67
N PHE B 81 -8.72 7.33 -15.48
CA PHE B 81 -9.09 8.09 -14.29
C PHE B 81 -7.94 8.97 -13.84
N ASP B 82 -8.25 10.06 -13.18
CA ASP B 82 -7.25 10.82 -12.45
C ASP B 82 -6.93 10.08 -11.19
N PHE B 83 -5.65 9.86 -10.93
CA PHE B 83 -5.26 9.26 -9.64
C PHE B 83 -5.60 10.16 -8.48
N ASN B 84 -5.71 9.60 -7.26
CA ASN B 84 -5.78 10.49 -6.08
C ASN B 84 -4.70 11.56 -6.12
N GLY B 85 -5.06 12.76 -5.67
CA GLY B 85 -4.15 13.92 -5.64
C GLY B 85 -3.81 14.51 -6.99
N HIS B 86 -4.55 14.11 -8.04
CA HIS B 86 -4.29 14.56 -9.42
C HIS B 86 -5.58 14.98 -10.11
N GLY B 87 -5.46 15.94 -11.01
CA GLY B 87 -6.62 16.32 -11.87
C GLY B 87 -7.89 16.58 -11.09
N ASP B 88 -8.99 15.92 -11.49
CA ASP B 88 -10.31 16.11 -10.90
C ASP B 88 -10.62 15.24 -9.68
N SER B 89 -9.73 14.27 -9.38
CA SER B 89 -10.02 13.36 -8.31
C SER B 89 -9.71 14.00 -6.97
N ASP B 90 -10.25 13.40 -5.92
CA ASP B 90 -10.01 13.85 -4.54
C ASP B 90 -8.57 13.56 -3.97
N GLY B 91 -8.27 14.16 -2.81
CA GLY B 91 -7.06 13.93 -2.03
C GLY B 91 -5.97 14.94 -2.38
N LYS B 92 -5.10 15.22 -1.42
CA LYS B 92 -3.98 16.12 -1.62
C LYS B 92 -2.85 15.38 -2.32
N PHE B 93 -2.17 16.04 -3.27
CA PHE B 93 -0.99 15.45 -3.88
C PHE B 93 0.04 14.92 -2.86
N GLU B 94 0.31 15.73 -1.83
CA GLU B 94 1.22 15.38 -0.70
C GLU B 94 0.91 14.02 -0.09
N ASN B 95 -0.33 13.57 -0.21
CA ASN B 95 -0.71 12.30 0.36
C ASN B 95 -0.77 11.11 -0.61
N MET B 96 -0.41 11.31 -1.87
CA MET B 96 -0.35 10.25 -2.88
C MET B 96 0.95 9.44 -2.74
N THR B 97 0.87 8.13 -2.93
CA THR B 97 2.09 7.38 -3.11
C THR B 97 1.81 6.40 -4.29
N VAL B 98 2.82 5.67 -4.76
CA VAL B 98 2.56 4.66 -5.81
C VAL B 98 1.62 3.57 -5.25
N LEU B 99 1.77 3.31 -3.94
CA LEU B 99 0.90 2.32 -3.25
C LEU B 99 -0.58 2.70 -3.27
N ASN B 100 -0.93 3.95 -2.93
CA ASN B 100 -2.33 4.22 -2.94
C ASN B 100 -2.85 4.42 -4.36
N GLU B 101 -1.96 4.74 -5.33
CA GLU B 101 -2.36 4.63 -6.74
C GLU B 101 -2.69 3.22 -7.17
N ILE B 102 -1.95 2.21 -6.68
CA ILE B 102 -2.33 0.83 -7.00
C ILE B 102 -3.69 0.56 -6.39
N GLU B 103 -3.95 1.17 -5.21
CA GLU B 103 -5.30 1.00 -4.59
C GLU B 103 -6.36 1.67 -5.45
N ASP B 104 -6.08 2.87 -5.97
CA ASP B 104 -7.04 3.47 -6.95
C ASP B 104 -7.26 2.55 -8.16
N ALA B 105 -6.16 2.03 -8.73
CA ALA B 105 -6.23 1.18 -9.93
C ALA B 105 -7.07 -0.08 -9.61
N ASN B 106 -6.95 -0.61 -8.38
CA ASN B 106 -7.76 -1.75 -8.01
C ASN B 106 -9.27 -1.43 -7.96
N ALA B 107 -9.63 -0.24 -7.44
CA ALA B 107 -11.04 0.18 -7.40
C ALA B 107 -11.56 0.36 -8.84
N ILE B 108 -10.69 0.77 -9.77
CA ILE B 108 -11.07 0.93 -11.20
C ILE B 108 -11.28 -0.45 -11.79
N LEU B 109 -10.38 -1.35 -11.42
CA LEU B 109 -10.47 -2.76 -11.88
C LEU B 109 -11.76 -3.45 -11.40
N ASN B 110 -12.16 -3.20 -10.15
CA ASN B 110 -13.45 -3.68 -9.64
C ASN B 110 -14.63 -3.25 -10.52
N TYR B 111 -14.63 -1.99 -10.93
CA TYR B 111 -15.68 -1.44 -11.83
C TYR B 111 -15.63 -2.13 -13.21
N VAL B 112 -14.42 -2.26 -13.79
CA VAL B 112 -14.28 -2.83 -15.14
C VAL B 112 -14.67 -4.33 -15.12
N LYS B 113 -14.21 -5.07 -14.11
CA LYS B 113 -14.31 -6.52 -14.15
C LYS B 113 -15.76 -6.97 -13.87
N THR B 114 -16.62 -6.05 -13.38
CA THR B 114 -18.05 -6.39 -13.14
C THR B 114 -18.96 -5.84 -14.26
N ASP B 115 -18.35 -5.30 -15.31
CA ASP B 115 -19.20 -4.74 -16.39
C ASP B 115 -19.47 -5.95 -17.30
N PRO B 116 -20.75 -6.29 -17.52
CA PRO B 116 -21.14 -7.46 -18.29
C PRO B 116 -20.76 -7.42 -19.84
N HIS B 117 -20.53 -6.24 -20.42
CA HIS B 117 -20.09 -6.07 -21.83
C HIS B 117 -18.61 -6.43 -22.07
N VAL B 118 -17.81 -6.39 -21.00
CA VAL B 118 -16.34 -6.51 -21.08
C VAL B 118 -15.89 -7.96 -21.27
N ARG B 119 -15.09 -8.17 -22.30
CA ARG B 119 -14.52 -9.48 -22.58
C ARG B 119 -13.10 -9.55 -21.97
N ASN B 120 -12.06 -9.13 -22.69
CA ASN B 120 -10.69 -9.11 -22.12
C ASN B 120 -10.33 -7.78 -21.55
N ILE B 121 -9.54 -7.78 -20.46
CA ILE B 121 -9.19 -6.54 -19.78
C ILE B 121 -7.72 -6.36 -20.00
N TYR B 122 -7.37 -5.16 -20.48
CA TYR B 122 -6.01 -4.73 -20.75
C TYR B 122 -5.62 -3.58 -19.83
N LEU B 123 -4.31 -3.47 -19.48
CA LEU B 123 -3.80 -2.32 -18.73
C LEU B 123 -2.79 -1.61 -19.62
N VAL B 124 -2.92 -0.30 -19.68
CA VAL B 124 -2.00 0.59 -20.39
C VAL B 124 -1.54 1.68 -19.41
N GLY B 125 -0.25 1.76 -19.19
CA GLY B 125 0.25 2.74 -18.26
C GLY B 125 1.47 3.51 -18.77
N HIS B 126 1.45 4.82 -18.60
CA HIS B 126 2.60 5.61 -18.98
C HIS B 126 3.35 6.07 -17.73
N ALA B 127 4.66 5.92 -17.78
CA ALA B 127 5.59 6.39 -16.73
C ALA B 127 5.20 5.86 -15.33
N GLN B 128 4.94 6.70 -14.35
CA GLN B 128 4.56 6.14 -13.04
C GLN B 128 3.27 5.31 -13.18
N GLY B 129 2.42 5.69 -14.12
CA GLY B 129 1.20 4.90 -14.46
C GLY B 129 1.58 3.49 -14.99
N GLY B 130 2.77 3.35 -15.60
CA GLY B 130 3.31 2.07 -16.04
C GLY B 130 3.70 1.19 -14.88
N VAL B 131 4.27 1.76 -13.81
CA VAL B 131 4.63 0.97 -12.60
C VAL B 131 3.30 0.52 -11.94
N VAL B 132 2.32 1.44 -11.89
CA VAL B 132 1.00 1.03 -11.31
C VAL B 132 0.40 -0.13 -12.15
N ALA B 133 0.45 -0.02 -13.47
CA ALA B 133 -0.10 -1.05 -14.36
C ALA B 133 0.66 -2.35 -14.17
N SER B 134 2.00 -2.29 -14.10
CA SER B 134 2.79 -3.56 -14.11
C SER B 134 2.57 -4.26 -12.75
N MET B 135 2.47 -3.47 -11.65
CA MET B 135 2.24 -4.09 -10.35
C MET B 135 0.82 -4.58 -10.26
N LEU B 136 -0.15 -3.79 -10.75
CA LEU B 136 -1.54 -4.32 -10.68
C LEU B 136 -1.67 -5.64 -11.48
N ALA B 137 -1.04 -5.71 -12.64
CA ALA B 137 -1.14 -6.96 -13.44
C ALA B 137 -0.46 -8.15 -12.70
N GLY B 138 0.56 -7.87 -11.90
CA GLY B 138 1.25 -8.96 -11.12
C GLY B 138 0.41 -9.40 -9.91
N LEU B 139 -0.49 -8.53 -9.48
CA LEU B 139 -1.52 -8.91 -8.46
C LEU B 139 -2.76 -9.60 -9.05
N TYR B 140 -3.03 -9.37 -10.34
CA TYR B 140 -4.19 -9.95 -11.03
C TYR B 140 -3.75 -10.73 -12.31
N PRO B 141 -2.78 -11.67 -12.21
CA PRO B 141 -2.23 -12.21 -13.42
C PRO B 141 -3.21 -13.16 -14.12
N ASP B 142 -4.18 -13.63 -13.35
CA ASP B 142 -5.27 -14.48 -13.81
C ASP B 142 -6.31 -13.69 -14.59
N LEU B 143 -6.44 -12.39 -14.34
CA LEU B 143 -7.57 -11.64 -14.84
C LEU B 143 -7.13 -10.75 -16.01
N ILE B 144 -6.02 -10.06 -15.84
CA ILE B 144 -5.48 -9.19 -16.92
C ILE B 144 -5.03 -9.99 -18.14
N LYS B 145 -5.39 -9.56 -19.36
CA LYS B 145 -5.01 -10.35 -20.56
C LYS B 145 -3.75 -9.85 -21.31
N LYS B 146 -3.52 -8.54 -21.33
CA LYS B 146 -2.30 -7.94 -21.90
C LYS B 146 -2.01 -6.61 -21.19
N VAL B 147 -0.75 -6.18 -21.28
CA VAL B 147 -0.31 -4.96 -20.60
C VAL B 147 0.54 -4.23 -21.62
N VAL B 148 0.33 -2.92 -21.77
CA VAL B 148 1.30 -2.09 -22.51
C VAL B 148 1.90 -1.10 -21.53
N LEU B 149 3.22 -1.02 -21.46
CA LEU B 149 3.90 -0.01 -20.62
C LEU B 149 4.64 0.98 -21.51
N LEU B 150 4.35 2.28 -21.37
CA LEU B 150 5.06 3.33 -22.09
C LEU B 150 5.96 4.08 -21.13
N ALA B 151 7.27 3.94 -21.36
CA ALA B 151 8.29 4.57 -20.49
C ALA B 151 8.05 4.32 -18.99
N PRO B 152 7.80 3.06 -18.59
CA PRO B 152 7.32 2.89 -17.22
C PRO B 152 8.41 3.28 -16.23
N ALA B 153 8.05 4.08 -15.22
CA ALA B 153 9.04 4.78 -14.38
C ALA B 153 9.58 3.96 -13.23
N ALA B 154 10.06 2.73 -13.52
CA ALA B 154 10.57 1.84 -12.45
C ALA B 154 11.82 2.40 -11.74
N THR B 155 12.44 3.37 -12.41
CA THR B 155 13.61 4.11 -11.91
C THR B 155 13.22 5.03 -10.77
N LEU B 156 11.92 5.14 -10.48
CA LEU B 156 11.52 6.02 -9.34
C LEU B 156 12.11 5.41 -8.05
N LYS B 157 12.30 4.10 -8.06
CA LYS B 157 12.87 3.45 -6.89
C LYS B 157 14.35 3.82 -6.67
N GLY B 158 15.17 3.54 -7.67
CA GLY B 158 16.60 3.92 -7.61
C GLY B 158 16.80 5.38 -7.36
N ASP B 159 15.98 6.24 -7.98
CA ASP B 159 16.02 7.70 -7.72
C ASP B 159 15.81 8.07 -6.26
N ALA B 160 14.79 7.47 -5.63
CA ALA B 160 14.54 7.70 -4.20
C ALA B 160 15.67 7.14 -3.35
N LEU B 161 16.26 6.02 -3.74
CA LEU B 161 17.43 5.48 -3.01
C LEU B 161 18.68 6.38 -3.17
N GLU B 162 18.70 7.16 -4.23
CA GLU B 162 19.80 8.03 -4.57
C GLU B 162 19.60 9.42 -3.91
N GLY B 163 18.36 9.85 -3.68
CA GLY B 163 18.13 11.12 -3.04
C GLY B 163 17.93 12.21 -4.06
N ASN B 164 17.38 11.87 -5.24
CA ASN B 164 17.16 12.84 -6.28
C ASN B 164 15.99 12.41 -7.14
N THR B 165 14.86 13.09 -6.94
CA THR B 165 13.62 12.85 -7.66
C THR B 165 13.32 14.03 -8.61
N GLN B 166 13.68 13.81 -9.89
CA GLN B 166 13.49 14.78 -10.97
C GLN B 166 14.18 16.11 -10.60
N GLY B 167 15.44 16.00 -10.17
CA GLY B 167 16.21 17.14 -9.68
C GLY B 167 15.84 17.69 -8.30
N VAL B 168 14.82 17.15 -7.64
CA VAL B 168 14.59 17.59 -6.27
C VAL B 168 15.33 16.67 -5.28
N THR B 169 16.14 17.27 -4.38
CA THR B 169 17.08 16.45 -3.55
C THR B 169 16.83 16.37 -2.04
N TYR B 170 17.38 15.34 -1.41
CA TYR B 170 17.15 15.06 0.01
C TYR B 170 18.14 13.96 0.36
N ASN B 171 18.42 13.81 1.64
CA ASN B 171 19.17 12.68 2.08
C ASN B 171 18.28 11.40 2.08
N PRO B 172 18.67 10.34 1.32
CA PRO B 172 17.77 9.17 1.24
C PRO B 172 17.62 8.42 2.59
N ASP B 173 18.47 8.72 3.58
CA ASP B 173 18.37 8.13 4.90
C ASP B 173 17.74 9.05 5.94
N HIS B 174 17.40 10.25 5.49
CA HIS B 174 16.75 11.28 6.31
C HIS B 174 15.75 12.05 5.49
N ILE B 175 14.77 11.31 4.95
CA ILE B 175 13.72 11.87 4.17
C ILE B 175 12.83 12.83 5.01
N PRO B 176 12.68 14.09 4.53
CA PRO B 176 11.79 15.01 5.28
C PRO B 176 10.30 14.57 5.28
N ASP B 177 9.51 15.20 6.15
CA ASP B 177 8.05 14.98 6.24
C ASP B 177 7.36 15.31 4.92
N ARG B 178 7.80 16.42 4.29
CA ARG B 178 7.32 16.85 2.97
C ARG B 178 8.42 17.63 2.26
N LEU B 179 8.29 17.74 0.95
CA LEU B 179 9.33 18.27 0.10
C LEU B 179 8.62 19.18 -0.92
N PRO B 180 8.92 20.51 -0.92
CA PRO B 180 8.38 21.27 -2.08
C PRO B 180 8.94 20.69 -3.40
N PHE B 181 8.11 20.69 -4.44
CA PHE B 181 8.44 19.95 -5.66
C PHE B 181 7.68 20.68 -6.75
N LYS B 182 8.40 21.49 -7.54
CA LYS B 182 7.81 22.38 -8.57
C LYS B 182 6.81 23.21 -7.82
N ASP B 183 5.59 23.29 -8.30
CA ASP B 183 4.53 24.01 -7.57
C ASP B 183 3.72 23.16 -6.62
N LEU B 184 4.22 21.95 -6.35
CA LEU B 184 3.48 21.01 -5.53
C LEU B 184 4.26 20.69 -4.26
N THR B 185 3.66 19.86 -3.42
CA THR B 185 4.30 19.41 -2.18
C THR B 185 4.27 17.92 -2.25
N LEU B 186 5.46 17.33 -2.37
CA LEU B 186 5.59 15.82 -2.36
C LEU B 186 5.68 15.25 -0.95
N GLY B 187 4.97 14.14 -0.66
CA GLY B 187 5.01 13.60 0.69
C GLY B 187 6.26 12.79 0.89
N GLY B 188 6.84 12.92 2.09
CA GLY B 188 7.93 12.05 2.47
C GLY B 188 7.58 10.54 2.37
N PHE B 189 6.33 10.18 2.62
CA PHE B 189 6.03 8.78 2.60
C PHE B 189 6.05 8.22 1.17
N TYR B 190 5.77 9.09 0.20
CA TYR B 190 5.96 8.73 -1.23
C TYR B 190 7.37 8.20 -1.49
N LEU B 191 8.36 8.93 -0.93
CA LEU B 191 9.73 8.59 -1.12
C LEU B 191 10.12 7.37 -0.35
N ARG B 192 9.60 7.23 0.87
CA ARG B 192 9.97 6.05 1.71
C ARG B 192 9.39 4.75 1.08
N ILE B 193 8.15 4.85 0.60
CA ILE B 193 7.52 3.78 -0.21
C ILE B 193 8.34 3.41 -1.47
N ALA B 194 8.67 4.44 -2.23
CA ALA B 194 9.42 4.28 -3.50
C ALA B 194 10.66 3.46 -3.28
N GLN B 195 11.41 3.76 -2.20
CA GLN B 195 12.74 3.08 -1.99
C GLN B 195 12.67 1.56 -1.86
N GLN B 196 11.54 1.07 -1.37
CA GLN B 196 11.44 -0.35 -1.06
C GLN B 196 10.30 -0.97 -1.83
N LEU B 197 9.80 -0.24 -2.83
CA LEU B 197 8.70 -0.77 -3.66
C LEU B 197 9.11 -2.03 -4.45
N PRO B 198 8.38 -3.16 -4.26
CA PRO B 198 8.83 -4.36 -4.94
C PRO B 198 8.31 -4.38 -6.38
N ILE B 199 8.83 -3.47 -7.20
CA ILE B 199 8.29 -3.29 -8.55
C ILE B 199 8.42 -4.56 -9.42
N TYR B 200 9.65 -5.00 -9.63
CA TYR B 200 9.85 -6.18 -10.50
C TYR B 200 9.38 -7.49 -9.85
N GLU B 201 9.50 -7.59 -8.53
CA GLU B 201 9.05 -8.81 -7.85
C GLU B 201 7.55 -9.05 -8.15
N VAL B 202 6.71 -8.04 -7.94
CA VAL B 202 5.31 -8.24 -8.15
C VAL B 202 5.01 -8.34 -9.67
N SER B 203 5.62 -7.45 -10.45
CA SER B 203 5.32 -7.33 -11.88
C SER B 203 5.58 -8.64 -12.62
N ALA B 204 6.68 -9.31 -12.24
CA ALA B 204 7.11 -10.59 -12.90
C ALA B 204 6.08 -11.69 -12.82
N GLN B 205 5.10 -11.57 -11.91
CA GLN B 205 4.05 -12.60 -11.81
C GLN B 205 3.11 -12.64 -13.02
N PHE B 206 3.11 -11.56 -13.81
CA PHE B 206 2.31 -11.54 -15.02
C PHE B 206 3.11 -12.16 -16.18
N THR B 207 2.61 -13.28 -16.69
CA THR B 207 3.34 -14.13 -17.68
C THR B 207 2.66 -14.06 -19.06
N LYS B 208 1.65 -13.22 -19.17
CA LYS B 208 0.92 -13.05 -20.44
C LYS B 208 1.55 -11.91 -21.24
N PRO B 209 1.04 -11.58 -22.42
CA PRO B 209 1.85 -10.68 -23.31
C PRO B 209 1.98 -9.25 -22.81
N VAL B 210 3.21 -8.72 -22.84
CA VAL B 210 3.44 -7.34 -22.45
C VAL B 210 4.13 -6.66 -23.60
N CYS B 211 3.74 -5.40 -23.89
CA CYS B 211 4.39 -4.53 -24.86
C CYS B 211 5.07 -3.41 -24.10
N LEU B 212 6.37 -3.22 -24.34
CA LEU B 212 7.21 -2.19 -23.68
C LEU B 212 7.61 -1.20 -24.78
N ILE B 213 7.27 0.08 -24.57
CA ILE B 213 7.50 1.13 -25.54
C ILE B 213 8.31 2.23 -24.83
N HIS B 214 9.51 2.55 -25.32
CA HIS B 214 10.32 3.50 -24.57
C HIS B 214 11.09 4.28 -25.59
N GLY B 215 11.11 5.60 -25.41
CA GLY B 215 11.85 6.48 -26.33
C GLY B 215 13.33 6.58 -25.98
N THR B 216 14.20 6.55 -26.99
CA THR B 216 15.65 6.41 -26.71
C THR B 216 16.23 7.68 -26.13
N ASP B 217 15.55 8.80 -26.33
CA ASP B 217 15.98 10.09 -25.80
C ASP B 217 15.14 10.59 -24.64
N ASP B 218 14.56 9.63 -23.90
CA ASP B 218 13.86 9.89 -22.65
C ASP B 218 14.88 10.30 -21.59
N THR B 219 14.74 11.51 -21.05
CA THR B 219 15.70 12.02 -20.08
C THR B 219 15.13 11.98 -18.68
N VAL B 220 13.86 11.59 -18.57
CA VAL B 220 13.13 11.56 -17.29
C VAL B 220 13.21 10.15 -16.71
N VAL B 221 13.04 9.14 -17.56
CA VAL B 221 13.13 7.71 -17.15
C VAL B 221 14.08 7.02 -18.12
N SER B 222 15.18 6.44 -17.60
CA SER B 222 16.11 5.77 -18.47
C SER B 222 15.43 4.64 -19.24
N PRO B 223 15.78 4.45 -20.53
CA PRO B 223 15.32 3.28 -21.27
C PRO B 223 15.72 1.94 -20.66
N ASN B 224 16.77 1.93 -19.81
CA ASN B 224 17.16 0.76 -18.99
C ASN B 224 15.97 0.27 -18.21
N ALA B 225 15.05 1.14 -17.82
CA ALA B 225 13.87 0.68 -17.08
C ALA B 225 13.13 -0.37 -17.95
N SER B 226 12.88 -0.04 -19.22
CA SER B 226 12.15 -0.96 -20.08
C SER B 226 13.01 -2.17 -20.50
N LYS B 227 14.32 -1.99 -20.65
CA LYS B 227 15.24 -3.18 -20.85
C LYS B 227 15.19 -4.15 -19.68
N LYS B 228 15.03 -3.59 -18.48
CA LYS B 228 14.93 -4.45 -17.28
C LYS B 228 13.57 -5.18 -17.28
N TYR B 229 12.49 -4.46 -17.56
CA TYR B 229 11.23 -5.16 -17.63
C TYR B 229 11.30 -6.27 -18.72
N ASP B 230 12.04 -6.05 -19.80
CA ASP B 230 12.08 -7.01 -20.89
C ASP B 230 12.78 -8.26 -20.38
N GLN B 231 13.75 -8.10 -19.49
CA GLN B 231 14.46 -9.25 -18.96
C GLN B 231 13.54 -10.05 -18.03
N ILE B 232 12.78 -9.37 -17.20
CA ILE B 232 12.05 -10.04 -16.13
C ILE B 232 10.78 -10.75 -16.60
N TYR B 233 10.15 -10.19 -17.64
CA TYR B 233 8.91 -10.72 -18.14
C TYR B 233 9.07 -11.97 -19.02
N GLN B 234 8.22 -12.96 -18.77
CA GLN B 234 8.18 -14.15 -19.61
C GLN B 234 7.83 -13.88 -21.07
N ASN B 235 6.98 -12.92 -21.31
CA ASN B 235 6.44 -12.77 -22.64
C ASN B 235 6.32 -11.28 -22.97
N SER B 236 7.45 -10.64 -23.28
CA SER B 236 7.42 -9.21 -23.56
C SER B 236 7.99 -8.95 -24.95
N THR B 237 7.58 -7.80 -25.52
CA THR B 237 8.12 -7.26 -26.76
C THR B 237 8.57 -5.85 -26.45
N LEU B 238 9.79 -5.49 -26.86
CA LEU B 238 10.40 -4.24 -26.51
C LEU B 238 10.52 -3.38 -27.75
N HIS B 239 10.02 -2.13 -27.68
CA HIS B 239 10.07 -1.19 -28.78
C HIS B 239 10.83 0.02 -28.24
N LEU B 240 12.06 0.18 -28.69
CA LEU B 240 12.85 1.36 -28.37
C LEU B 240 12.68 2.32 -29.53
N ILE B 241 11.97 3.45 -29.31
CA ILE B 241 11.64 4.36 -30.44
C ILE B 241 12.74 5.39 -30.54
N GLU B 242 13.47 5.33 -31.67
CA GLU B 242 14.65 6.13 -31.91
C GLU B 242 14.30 7.62 -31.87
N GLY B 243 14.90 8.37 -30.94
CA GLY B 243 14.64 9.82 -30.95
C GLY B 243 13.49 10.33 -30.04
N ALA B 244 12.66 9.42 -29.50
CA ALA B 244 11.46 9.82 -28.74
C ALA B 244 11.87 10.20 -27.33
N ASP B 245 11.12 11.16 -26.77
CA ASP B 245 11.32 11.74 -25.44
C ASP B 245 10.30 11.05 -24.53
N HIS B 246 10.31 11.46 -23.28
CA HIS B 246 9.52 10.80 -22.19
C HIS B 246 8.01 10.78 -22.50
N CYS B 247 7.54 11.87 -23.09
CA CYS B 247 6.11 12.04 -23.33
C CYS B 247 5.67 11.55 -24.72
N PHE B 248 6.62 11.02 -25.51
CA PHE B 248 6.39 10.68 -26.95
C PHE B 248 5.76 11.87 -27.68
N SER B 249 6.44 13.02 -27.64
CA SER B 249 5.90 14.26 -28.21
C SER B 249 5.97 14.28 -29.74
N ASP B 250 5.24 15.20 -30.34
CA ASP B 250 5.43 15.50 -31.75
C ASP B 250 5.13 14.26 -32.60
N SER B 251 6.06 13.87 -33.46
CA SER B 251 5.80 12.77 -34.45
C SER B 251 5.81 11.42 -33.75
N TYR B 252 6.42 11.33 -32.56
CA TYR B 252 6.53 10.05 -31.85
C TYR B 252 5.21 9.62 -31.20
N GLN B 253 4.27 10.55 -31.08
CA GLN B 253 3.05 10.22 -30.39
C GLN B 253 2.23 9.22 -31.17
N LYS B 254 2.10 9.42 -32.48
CA LYS B 254 1.25 8.50 -33.24
C LYS B 254 1.94 7.13 -33.32
N ASN B 255 3.27 7.12 -33.37
CA ASN B 255 4.04 5.90 -33.39
C ASN B 255 3.71 5.07 -32.08
N ALA B 256 3.80 5.72 -30.90
CA ALA B 256 3.51 5.01 -29.62
C ALA B 256 2.04 4.59 -29.65
N VAL B 257 1.15 5.44 -30.14
CA VAL B 257 -0.29 5.11 -30.11
C VAL B 257 -0.57 3.90 -31.01
N ASN B 258 -0.02 3.90 -32.20
CA ASN B 258 -0.27 2.78 -33.12
C ASN B 258 0.36 1.48 -32.61
N LEU B 259 1.53 1.52 -31.98
CA LEU B 259 2.11 0.27 -31.34
C LEU B 259 1.16 -0.29 -30.27
N THR B 260 0.64 0.60 -29.45
CA THR B 260 -0.28 0.25 -28.36
C THR B 260 -1.54 -0.37 -28.97
N THR B 261 -2.16 0.32 -29.92
CA THR B 261 -3.39 -0.18 -30.51
C THR B 261 -3.19 -1.54 -31.20
N ASP B 262 -2.16 -1.62 -32.03
CA ASP B 262 -1.83 -2.85 -32.77
C ASP B 262 -1.66 -4.05 -31.83
N PHE B 263 -0.97 -3.83 -30.72
CA PHE B 263 -0.68 -4.90 -29.77
C PHE B 263 -2.00 -5.41 -29.11
N LEU B 264 -2.90 -4.47 -28.80
CA LEU B 264 -4.16 -4.82 -28.10
C LEU B 264 -5.17 -5.42 -29.04
N GLN B 265 -5.09 -4.97 -30.29
CA GLN B 265 -5.76 -5.50 -31.51
C GLN B 265 -6.98 -4.73 -31.93
CL CL C . 17.27 -5.24 11.42
CL CL D . 3.50 10.82 5.91
CL CL E . 18.08 -10.83 15.95
CL CL F . -11.15 -8.26 25.38
CL CL G . 6.53 11.38 5.92
CL CL H . 2.00 -19.72 7.13
CL CL I . -4.29 -19.53 20.34
CL CL J . -4.42 1.27 14.46
CL CL K . 3.23 21.03 29.19
C1 DHC L . -4.59 -11.54 14.21
O1 DHC L . -4.37 -10.35 13.79
C2 DHC L . -4.46 -12.57 13.25
C3 DHC L . -4.05 -12.30 11.94
C1' DHC L . -3.96 -13.27 10.93
C2' DHC L . -4.42 -12.89 9.65
C3' DHC L . -4.40 -13.78 8.58
C4' DHC L . -3.85 -15.08 8.81
C5' DHC L . -3.40 -15.46 10.08
C6' DHC L . -3.46 -14.56 11.17
O4' DHC L . -3.79 -15.97 7.77
O3' DHC L . -4.82 -13.33 7.32
O2 DHC L . -4.99 -11.84 15.39
CL CL M . 10.91 -10.94 -21.79
CL CL N . 2.70 10.81 0.41
CL CL O . 12.59 13.49 -22.12
CL CL P . -25.72 -3.48 -25.82
CL CL Q . -18.04 11.48 -28.04
CL CL R . 8.89 -11.98 -6.44
CL CL S . -0.71 17.15 -22.95
C1 DHC T . 6.28 10.21 -14.80
O1 DHC T . 6.23 10.93 -15.89
C2 DHC T . 7.47 10.17 -14.07
C3 DHC T . 7.57 9.45 -12.87
C1' DHC T . 8.74 9.49 -12.12
C2' DHC T . 8.54 9.48 -10.73
C3' DHC T . 9.65 9.56 -9.90
C4' DHC T . 10.96 9.64 -10.43
C5' DHC T . 11.16 9.66 -11.83
C6' DHC T . 10.04 9.60 -12.68
O4' DHC T . 12.03 9.69 -9.55
O3' DHC T . 9.48 9.55 -8.56
O2 DHC T . 5.34 9.57 -14.25
#